data_7DAX
#
_entry.id   7DAX
#
_cell.length_a   58.696
_cell.length_b   75.069
_cell.length_c   108.253
_cell.angle_alpha   90.0
_cell.angle_beta   90.0
_cell.angle_gamma   90.0
#
_symmetry.space_group_name_H-M   'P 21 21 21'
#
loop_
_entity.id
_entity.type
_entity.pdbx_description
1 polymer 'Glutathione S-transferase E14'
2 non-polymer '2-[(5-tert-butyl-2-methyl-phenyl)sulfonylamino]benzoic acid'
3 non-polymer 'DIMETHYL SULFOXIDE'
4 non-polymer 'CHLORIDE ION'
5 water water
#
_entity_poly.entity_id   1
_entity_poly.type   'polypeptide(L)'
_entity_poly.pdbx_seq_one_letter_code
;MNHKVHMMSQPKPILYYDERSPPVRSCLMLIKLLDIDVELRFVNLFKGEQFQKDFLALNPQHSVPTLVHGDLVLTDSHAI
LIHLAEKFDEGGSLWPQEHAERMKVLNLLLFECSFLFRRDSDFMSAIVRQGFANVDVAHHERKLTEAYIIMERYLENSDF
MAGPQLTLADLSIVTTLSTVNLMFPLSQFPRLRRWFTAMQQLDAYEANCSGLEKLRQTMESVGSFQFPSSSAVVTEKVE
;
_entity_poly.pdbx_strand_id   A,B
#
# COMPACT_ATOMS: atom_id res chain seq x y z
N PRO A 11 3.54 29.08 2.02
CA PRO A 11 4.83 28.40 1.88
C PRO A 11 4.74 27.26 0.86
N LYS A 12 5.65 27.22 -0.10
CA LYS A 12 5.52 26.23 -1.15
C LYS A 12 5.96 24.86 -0.64
N PRO A 13 5.48 23.79 -1.28
CA PRO A 13 5.78 22.44 -0.81
C PRO A 13 7.27 22.13 -0.90
N ILE A 14 7.74 21.33 0.06
CA ILE A 14 9.10 20.82 0.08
C ILE A 14 9.04 19.31 -0.12
N LEU A 15 9.77 18.80 -1.12
CA LEU A 15 9.80 17.37 -1.41
C LEU A 15 11.19 16.82 -1.12
N TYR A 16 11.28 15.94 -0.12
CA TYR A 16 12.49 15.17 0.14
C TYR A 16 12.49 13.95 -0.77
N TYR A 17 13.59 13.74 -1.50
CA TYR A 17 13.50 12.87 -2.67
C TYR A 17 14.83 12.20 -3.00
N ASP A 18 14.73 11.04 -3.65
CA ASP A 18 15.82 10.39 -4.36
C ASP A 18 15.18 9.86 -5.64
N GLU A 19 15.60 10.39 -6.80
CA GLU A 19 14.86 10.09 -8.02
C GLU A 19 14.98 8.63 -8.45
N ARG A 20 15.86 7.85 -7.82
CA ARG A 20 15.93 6.43 -8.15
C ARG A 20 14.63 5.72 -7.73
N SER A 21 13.96 6.23 -6.69
CA SER A 21 12.71 5.63 -6.22
C SER A 21 11.58 5.84 -7.23
N PRO A 22 10.90 4.78 -7.66
CA PRO A 22 9.75 4.97 -8.57
C PRO A 22 8.67 5.83 -7.95
N PRO A 23 8.29 5.62 -6.68
CA PRO A 23 7.27 6.51 -6.09
C PRO A 23 7.69 7.97 -6.06
N VAL A 24 8.98 8.26 -5.84
CA VAL A 24 9.47 9.63 -5.98
C VAL A 24 9.20 10.14 -7.39
N ARG A 25 9.54 9.32 -8.39
CA ARG A 25 9.35 9.76 -9.77
C ARG A 25 7.89 10.01 -10.11
N SER A 26 6.96 9.29 -9.47
CA SER A 26 5.55 9.58 -9.70
C SER A 26 5.21 10.98 -9.24
N CYS A 27 5.74 11.38 -8.08
CA CYS A 27 5.53 12.74 -7.59
C CYS A 27 6.20 13.78 -8.49
N LEU A 28 7.42 13.49 -8.97
CA LEU A 28 8.07 14.41 -9.90
C LEU A 28 7.25 14.59 -11.18
N MET A 29 6.67 13.50 -11.69
CA MET A 29 5.83 13.59 -12.87
C MET A 29 4.62 14.51 -12.62
N LEU A 30 3.96 14.35 -11.47
CA LEU A 30 2.81 15.20 -11.19
C LEU A 30 3.23 16.66 -11.07
N ILE A 31 4.35 16.91 -10.40
CA ILE A 31 4.85 18.26 -10.21
C ILE A 31 5.13 18.92 -11.57
N LYS A 32 5.72 18.17 -12.49
CA LYS A 32 5.94 18.71 -13.84
C LYS A 32 4.61 18.91 -14.57
N LEU A 33 3.72 17.93 -14.49
CA LEU A 33 2.46 17.98 -15.22
C LEU A 33 1.64 19.19 -14.83
N LEU A 34 1.62 19.54 -13.55
CA LEU A 34 0.79 20.62 -13.04
C LEU A 34 1.57 21.92 -12.87
N ASP A 35 2.86 21.93 -13.20
CA ASP A 35 3.71 23.12 -13.07
C ASP A 35 3.70 23.66 -11.65
N ILE A 36 3.82 22.77 -10.68
CA ILE A 36 3.85 23.16 -9.27
C ILE A 36 5.27 23.60 -8.91
N ASP A 37 5.37 24.74 -8.22
CA ASP A 37 6.66 25.22 -7.70
C ASP A 37 6.93 24.51 -6.38
N VAL A 38 7.96 23.68 -6.34
CA VAL A 38 8.29 22.84 -5.18
C VAL A 38 9.78 22.95 -4.90
N GLU A 39 10.14 23.04 -3.61
CA GLU A 39 11.54 22.98 -3.25
C GLU A 39 11.98 21.52 -3.11
N LEU A 40 13.04 21.15 -3.81
CA LEU A 40 13.53 19.78 -3.80
C LEU A 40 14.72 19.64 -2.86
N ARG A 41 14.67 18.65 -1.98
CA ARG A 41 15.76 18.39 -1.04
C ARG A 41 16.19 16.94 -1.18
N PHE A 42 17.39 16.72 -1.69
CA PHE A 42 17.86 15.38 -2.00
C PHE A 42 18.26 14.62 -0.73
N VAL A 43 17.79 13.37 -0.63
CA VAL A 43 18.15 12.44 0.44
C VAL A 43 18.71 11.21 -0.26
N ASN A 44 20.02 10.98 -0.13
CA ASN A 44 20.66 9.89 -0.87
C ASN A 44 20.39 8.56 -0.16
N LEU A 45 19.48 7.77 -0.73
CA LEU A 45 19.12 6.49 -0.12
C LEU A 45 20.28 5.51 -0.15
N PHE A 46 21.11 5.55 -1.19
CA PHE A 46 22.23 4.63 -1.29
C PHE A 46 23.23 4.86 -0.16
N LYS A 47 23.39 6.09 0.29
CA LYS A 47 24.30 6.45 1.36
C LYS A 47 23.65 6.38 2.74
N GLY A 48 22.35 6.11 2.84
CA GLY A 48 21.71 6.03 4.13
C GLY A 48 21.35 7.36 4.75
N GLU A 49 21.23 8.42 3.95
CA GLU A 49 20.91 9.72 4.52
C GLU A 49 19.50 9.76 5.09
N GLN A 50 18.66 8.80 4.72
CA GLN A 50 17.31 8.73 5.28
C GLN A 50 17.34 8.33 6.75
N PHE A 51 18.51 7.99 7.29
CA PHE A 51 18.65 7.66 8.70
C PHE A 51 19.29 8.79 9.50
N GLN A 52 19.64 9.90 8.84
CA GLN A 52 20.06 11.09 9.56
C GLN A 52 19.03 11.43 10.63
N LYS A 53 19.52 11.86 11.79
CA LYS A 53 18.63 12.06 12.94
C LYS A 53 17.49 13.00 12.62
N ASP A 54 17.77 14.10 11.91
CA ASP A 54 16.75 15.09 11.63
C ASP A 54 15.68 14.54 10.68
N PHE A 55 16.10 13.76 9.69
CA PHE A 55 15.10 13.20 8.78
C PHE A 55 14.24 12.14 9.47
N LEU A 56 14.88 11.30 10.29
CA LEU A 56 14.13 10.31 11.05
C LEU A 56 13.10 10.96 11.95
N ALA A 57 13.45 12.10 12.56
CA ALA A 57 12.48 12.80 13.40
C ALA A 57 11.31 13.30 12.58
N LEU A 58 11.57 13.68 11.33
CA LEU A 58 10.52 14.14 10.43
C LEU A 58 9.66 12.97 9.96
N ASN A 59 10.30 11.89 9.53
CA ASN A 59 9.64 10.71 8.98
C ASN A 59 10.27 9.46 9.59
N PRO A 60 9.67 8.92 10.65
CA PRO A 60 10.23 7.71 11.28
C PRO A 60 10.26 6.51 10.34
N GLN A 61 9.49 6.53 9.25
CA GLN A 61 9.58 5.45 8.27
C GLN A 61 10.81 5.55 7.38
N HIS A 62 11.60 6.61 7.56
CA HIS A 62 12.85 6.83 6.83
C HIS A 62 12.69 6.49 5.34
N SER A 63 11.70 7.13 4.71
CA SER A 63 11.36 6.85 3.32
C SER A 63 11.21 8.14 2.52
N VAL A 64 11.43 8.04 1.22
CA VAL A 64 11.09 9.10 0.28
C VAL A 64 10.11 8.51 -0.73
N PRO A 65 9.21 9.31 -1.31
CA PRO A 65 9.10 10.76 -1.08
C PRO A 65 8.50 11.12 0.27
N THR A 66 8.98 12.23 0.84
CA THR A 66 8.32 12.88 1.98
C THR A 66 8.03 14.33 1.58
N LEU A 67 6.80 14.78 1.81
CA LEU A 67 6.40 16.14 1.48
C LEU A 67 6.13 16.91 2.76
N VAL A 68 6.71 18.10 2.87
CA VAL A 68 6.35 19.05 3.91
C VAL A 68 5.68 20.23 3.22
N HIS A 69 4.43 20.50 3.57
CA HIS A 69 3.69 21.61 2.97
C HIS A 69 3.02 22.37 4.12
N GLY A 70 3.64 23.47 4.53
CA GLY A 70 3.20 24.12 5.75
C GLY A 70 3.43 23.20 6.94
N ASP A 71 2.36 22.93 7.69
CA ASP A 71 2.43 22.04 8.85
C ASP A 71 2.25 20.59 8.46
N LEU A 72 1.80 20.31 7.25
CA LEU A 72 1.43 18.97 6.84
C LEU A 72 2.67 18.20 6.40
N VAL A 73 2.86 17.01 6.96
CA VAL A 73 3.98 16.12 6.63
C VAL A 73 3.38 14.83 6.09
N LEU A 74 3.62 14.54 4.82
CA LEU A 74 3.14 13.33 4.18
C LEU A 74 4.32 12.39 3.90
N THR A 75 4.13 11.09 4.18
CA THR A 75 5.22 10.14 4.12
C THR A 75 4.89 8.96 3.21
N ASP A 76 3.95 9.14 2.29
CA ASP A 76 3.63 8.13 1.30
C ASP A 76 3.32 8.81 -0.03
N SER A 77 3.90 8.28 -1.11
CA SER A 77 3.72 8.90 -2.42
C SER A 77 2.24 9.05 -2.78
N HIS A 78 1.40 8.09 -2.38
CA HIS A 78 0.01 8.13 -2.82
C HIS A 78 -0.75 9.24 -2.12
N ALA A 79 -0.40 9.52 -0.87
CA ALA A 79 -1.00 10.66 -0.19
C ALA A 79 -0.48 11.96 -0.78
N ILE A 80 0.81 11.99 -1.15
CA ILE A 80 1.38 13.19 -1.78
C ILE A 80 0.71 13.48 -3.11
N LEU A 81 0.50 12.44 -3.93
CA LEU A 81 -0.18 12.64 -5.20
C LEU A 81 -1.59 13.21 -5.00
N ILE A 82 -2.32 12.65 -4.03
CA ILE A 82 -3.69 13.12 -3.81
C ILE A 82 -3.69 14.54 -3.28
N HIS A 83 -2.82 14.83 -2.32
CA HIS A 83 -2.77 16.18 -1.76
C HIS A 83 -2.43 17.22 -2.84
N LEU A 84 -1.41 16.94 -3.65
CA LEU A 84 -1.02 17.92 -4.66
C LEU A 84 -2.10 18.07 -5.73
N ALA A 85 -2.78 16.97 -6.09
CA ALA A 85 -3.87 17.10 -7.05
C ALA A 85 -5.00 17.95 -6.47
N GLU A 86 -5.30 17.79 -5.19
CA GLU A 86 -6.40 18.55 -4.60
C GLU A 86 -6.05 20.04 -4.48
N LYS A 87 -4.79 20.36 -4.21
CA LYS A 87 -4.36 21.75 -4.06
C LYS A 87 -4.00 22.43 -5.37
N PHE A 88 -3.57 21.68 -6.39
CA PHE A 88 -3.10 22.32 -7.63
C PHE A 88 -3.82 21.84 -8.88
N ASP A 89 -4.62 20.79 -8.79
CA ASP A 89 -5.51 20.39 -9.88
C ASP A 89 -6.94 20.37 -9.37
N GLU A 90 -7.26 21.34 -8.52
CA GLU A 90 -8.59 21.40 -7.92
C GLU A 90 -9.66 21.34 -9.00
N GLY A 91 -10.65 20.47 -8.81
CA GLY A 91 -11.73 20.29 -9.76
C GLY A 91 -11.37 19.53 -11.02
N GLY A 92 -10.11 19.11 -11.16
CA GLY A 92 -9.62 18.51 -12.39
C GLY A 92 -9.94 17.04 -12.51
N SER A 93 -9.38 16.44 -13.57
CA SER A 93 -9.68 15.07 -13.94
C SER A 93 -8.62 14.07 -13.51
N LEU A 94 -7.46 14.52 -13.03
CA LEU A 94 -6.45 13.56 -12.57
C LEU A 94 -6.94 12.81 -11.35
N TRP A 95 -7.69 13.49 -10.50
CA TRP A 95 -8.23 12.96 -9.25
C TRP A 95 -9.71 13.28 -9.35
N PRO A 96 -10.47 12.43 -10.05
CA PRO A 96 -11.76 12.88 -10.61
C PRO A 96 -12.79 13.20 -9.55
N GLN A 97 -13.73 14.05 -9.95
CA GLN A 97 -14.70 14.59 -9.02
C GLN A 97 -15.77 13.59 -8.63
N GLU A 98 -16.24 12.78 -9.58
CA GLU A 98 -17.35 11.89 -9.27
C GLU A 98 -16.87 10.77 -8.36
N HIS A 99 -17.68 10.44 -7.36
CA HIS A 99 -17.23 9.52 -6.30
C HIS A 99 -16.74 8.20 -6.87
N ALA A 100 -17.52 7.57 -7.77
CA ALA A 100 -17.13 6.24 -8.25
C ALA A 100 -15.83 6.30 -9.05
N GLU A 101 -15.64 7.37 -9.83
CA GLU A 101 -14.40 7.50 -10.59
C GLU A 101 -13.22 7.72 -9.66
N ARG A 102 -13.43 8.51 -8.60
CA ARG A 102 -12.37 8.76 -7.64
C ARG A 102 -12.00 7.47 -6.90
N MET A 103 -13.01 6.67 -6.53
CA MET A 103 -12.75 5.40 -5.85
C MET A 103 -11.98 4.45 -6.75
N LYS A 104 -12.24 4.48 -8.06
CA LYS A 104 -11.48 3.64 -8.98
C LYS A 104 -10.01 4.05 -9.00
N VAL A 105 -9.74 5.35 -9.02
CA VAL A 105 -8.36 5.80 -9.01
C VAL A 105 -7.69 5.40 -7.69
N LEU A 106 -8.38 5.63 -6.57
CA LEU A 106 -7.84 5.24 -5.27
C LEU A 106 -7.53 3.75 -5.23
N ASN A 107 -8.43 2.94 -5.80
CA ASN A 107 -8.23 1.49 -5.81
C ASN A 107 -6.93 1.11 -6.53
N LEU A 108 -6.66 1.77 -7.65
N LEU A 108 -6.66 1.77 -7.65
CA LEU A 108 -5.45 1.46 -8.41
CA LEU A 108 -5.45 1.45 -8.40
C LEU A 108 -4.19 2.04 -7.76
C LEU A 108 -4.20 2.01 -7.73
N LEU A 109 -4.30 3.17 -7.06
CA LEU A 109 -3.16 3.64 -6.28
C LEU A 109 -2.77 2.62 -5.22
N LEU A 110 -3.77 1.99 -4.60
CA LEU A 110 -3.50 1.01 -3.56
C LEU A 110 -2.97 -0.30 -4.15
N PHE A 111 -3.44 -0.69 -5.34
CA PHE A 111 -2.81 -1.79 -6.08
C PHE A 111 -1.33 -1.52 -6.29
N GLU A 112 -0.98 -0.30 -6.71
CA GLU A 112 0.42 0.03 -6.89
C GLU A 112 1.19 -0.14 -5.59
N CYS A 113 0.62 0.36 -4.49
CA CYS A 113 1.30 0.26 -3.20
C CYS A 113 1.46 -1.18 -2.76
N SER A 114 0.35 -1.92 -2.75
CA SER A 114 0.24 -3.19 -2.05
C SER A 114 0.71 -4.37 -2.89
N PHE A 115 0.82 -4.21 -4.20
CA PHE A 115 1.04 -5.35 -5.08
C PHE A 115 2.21 -5.09 -6.01
N LEU A 116 2.10 -4.09 -6.89
CA LEU A 116 3.13 -3.88 -7.89
C LEU A 116 4.43 -3.40 -7.24
N PHE A 117 4.36 -2.31 -6.47
CA PHE A 117 5.57 -1.83 -5.83
C PHE A 117 6.10 -2.84 -4.81
N ARG A 118 5.20 -3.43 -4.02
CA ARG A 118 5.66 -4.41 -3.05
C ARG A 118 6.50 -5.49 -3.71
N ARG A 119 6.02 -6.05 -4.82
CA ARG A 119 6.74 -7.13 -5.48
C ARG A 119 8.01 -6.63 -6.15
N ASP A 120 7.99 -5.42 -6.72
CA ASP A 120 9.23 -4.95 -7.34
C ASP A 120 10.27 -4.67 -6.27
N SER A 121 9.84 -4.06 -5.16
CA SER A 121 10.72 -3.81 -4.03
C SER A 121 11.32 -5.11 -3.50
N ASP A 122 10.48 -6.16 -3.37
CA ASP A 122 11.00 -7.44 -2.90
C ASP A 122 12.11 -7.94 -3.83
N PHE A 123 11.89 -7.83 -5.14
CA PHE A 123 12.86 -8.33 -6.11
C PHE A 123 14.14 -7.51 -6.07
N MET A 124 14.01 -6.19 -6.13
CA MET A 124 15.21 -5.35 -6.19
C MET A 124 16.01 -5.39 -4.89
N SER A 125 15.33 -5.47 -3.75
CA SER A 125 16.10 -5.52 -2.51
C SER A 125 16.79 -6.86 -2.35
N ALA A 126 16.20 -7.95 -2.86
CA ALA A 126 16.91 -9.22 -2.84
C ALA A 126 18.20 -9.14 -3.66
N ILE A 127 18.16 -8.46 -4.81
CA ILE A 127 19.38 -8.27 -5.59
C ILE A 127 20.43 -7.53 -4.76
N VAL A 128 20.02 -6.47 -4.08
CA VAL A 128 20.98 -5.66 -3.30
C VAL A 128 21.54 -6.46 -2.13
N ARG A 129 20.68 -7.25 -1.45
CA ARG A 129 21.13 -7.97 -0.27
C ARG A 129 21.97 -9.19 -0.61
N GLN A 130 21.62 -9.89 -1.69
CA GLN A 130 22.21 -11.17 -2.01
C GLN A 130 23.16 -11.14 -3.18
N GLY A 131 23.11 -10.11 -4.01
CA GLY A 131 23.74 -10.18 -5.32
C GLY A 131 22.87 -10.92 -6.31
N PHE A 132 22.82 -10.42 -7.55
CA PHE A 132 21.90 -10.98 -8.54
C PHE A 132 22.07 -12.48 -8.72
N ALA A 133 23.32 -12.95 -8.79
CA ALA A 133 23.59 -14.36 -9.04
C ALA A 133 22.92 -15.26 -8.00
N ASN A 134 22.69 -14.76 -6.79
CA ASN A 134 22.12 -15.56 -5.71
C ASN A 134 20.62 -15.33 -5.51
N VAL A 135 19.98 -14.58 -6.39
CA VAL A 135 18.55 -14.32 -6.29
C VAL A 135 17.79 -15.44 -6.98
N ASP A 136 16.65 -15.83 -6.42
CA ASP A 136 15.72 -16.72 -7.09
C ASP A 136 14.94 -15.90 -8.11
N VAL A 137 15.54 -15.70 -9.28
CA VAL A 137 14.94 -14.81 -10.27
C VAL A 137 13.63 -15.38 -10.79
N ALA A 138 13.56 -16.69 -11.00
CA ALA A 138 12.32 -17.29 -11.50
C ALA A 138 11.16 -17.00 -10.56
N HIS A 139 11.40 -17.06 -9.25
CA HIS A 139 10.37 -16.76 -8.27
C HIS A 139 9.82 -15.35 -8.46
N HIS A 140 10.71 -14.37 -8.61
CA HIS A 140 10.29 -12.98 -8.76
C HIS A 140 9.73 -12.74 -10.15
N GLU A 141 10.23 -13.45 -11.16
CA GLU A 141 9.61 -13.34 -12.47
C GLU A 141 8.15 -13.75 -12.41
N ARG A 142 7.83 -14.82 -11.68
CA ARG A 142 6.44 -15.25 -11.56
C ARG A 142 5.58 -14.19 -10.87
N LYS A 143 6.13 -13.68 -9.78
CA LYS A 143 5.38 -12.67 -9.00
C LYS A 143 5.24 -11.38 -9.82
N LEU A 144 6.26 -10.98 -10.59
CA LEU A 144 6.01 -9.71 -11.31
C LEU A 144 5.23 -9.92 -12.60
N THR A 145 5.37 -11.08 -13.23
CA THR A 145 4.51 -11.40 -14.35
C THR A 145 3.04 -11.39 -13.94
N GLU A 146 2.75 -11.85 -12.72
N GLU A 146 2.76 -11.84 -12.70
CA GLU A 146 1.36 -11.80 -12.27
CA GLU A 146 1.39 -11.82 -12.20
C GLU A 146 0.86 -10.37 -12.20
C GLU A 146 0.85 -10.40 -12.10
N ALA A 147 1.73 -9.43 -11.78
CA ALA A 147 1.35 -8.03 -11.81
C ALA A 147 1.12 -7.55 -13.24
N TYR A 148 1.94 -7.99 -14.19
CA TYR A 148 1.70 -7.64 -15.59
C TYR A 148 0.32 -8.12 -16.04
N ILE A 149 -0.02 -9.37 -15.69
CA ILE A 149 -1.31 -9.94 -16.06
C ILE A 149 -2.46 -9.10 -15.51
N ILE A 150 -2.34 -8.69 -14.25
CA ILE A 150 -3.41 -7.91 -13.63
C ILE A 150 -3.55 -6.57 -14.35
N MET A 151 -2.42 -5.89 -14.59
CA MET A 151 -2.52 -4.62 -15.29
C MET A 151 -3.05 -4.80 -16.71
N GLU A 152 -2.69 -5.90 -17.37
CA GLU A 152 -3.26 -6.15 -18.69
C GLU A 152 -4.78 -6.28 -18.60
N ARG A 153 -5.27 -6.97 -17.55
N ARG A 153 -5.27 -6.96 -17.55
CA ARG A 153 -6.72 -7.08 -17.36
CA ARG A 153 -6.72 -7.09 -17.37
C ARG A 153 -7.36 -5.72 -17.20
C ARG A 153 -7.36 -5.72 -17.19
N TYR A 154 -6.75 -4.86 -16.37
CA TYR A 154 -7.31 -3.53 -16.15
C TYR A 154 -7.40 -2.75 -17.47
N LEU A 155 -6.39 -2.87 -18.32
CA LEU A 155 -6.37 -2.14 -19.57
C LEU A 155 -7.22 -2.81 -20.64
N GLU A 156 -7.65 -4.05 -20.43
CA GLU A 156 -8.58 -4.66 -21.38
C GLU A 156 -9.96 -4.06 -21.26
N ASN A 157 -10.29 -3.48 -20.10
CA ASN A 157 -11.58 -2.86 -19.85
C ASN A 157 -11.55 -1.34 -19.99
N SER A 158 -10.37 -0.70 -19.97
CA SER A 158 -10.31 0.76 -20.03
C SER A 158 -9.02 1.22 -20.69
N ASP A 159 -9.08 2.41 -21.27
CA ASP A 159 -7.97 2.94 -22.06
C ASP A 159 -6.77 3.27 -21.18
N PHE A 160 -6.98 3.98 -20.08
CA PHE A 160 -5.96 4.20 -19.07
C PHE A 160 -6.25 3.29 -17.87
N MET A 161 -5.37 3.31 -16.88
CA MET A 161 -5.50 2.36 -15.77
C MET A 161 -6.84 2.44 -15.07
N ALA A 162 -7.36 3.64 -14.86
CA ALA A 162 -8.54 3.79 -14.02
C ALA A 162 -9.75 4.32 -14.78
N GLY A 163 -9.69 4.34 -16.11
CA GLY A 163 -10.78 4.87 -16.89
C GLY A 163 -10.31 5.42 -18.21
N PRO A 164 -11.14 6.27 -18.83
CA PRO A 164 -10.85 6.71 -20.20
C PRO A 164 -9.77 7.78 -20.33
N GLN A 165 -9.29 8.36 -19.23
CA GLN A 165 -8.31 9.43 -19.33
C GLN A 165 -7.26 9.28 -18.23
N LEU A 166 -6.18 10.03 -18.42
CA LEU A 166 -5.03 10.03 -17.52
C LEU A 166 -5.46 10.41 -16.10
N THR A 167 -5.03 9.62 -15.11
CA THR A 167 -5.30 9.94 -13.70
C THR A 167 -4.03 9.72 -12.89
N LEU A 168 -4.12 10.06 -11.61
CA LEU A 168 -3.02 9.78 -10.68
C LEU A 168 -2.61 8.31 -10.72
N ALA A 169 -3.57 7.42 -11.00
CA ALA A 169 -3.23 5.99 -11.02
C ALA A 169 -2.17 5.69 -12.08
N ASP A 170 -2.28 6.31 -13.25
CA ASP A 170 -1.27 6.11 -14.29
C ASP A 170 0.09 6.65 -13.87
N LEU A 171 0.11 7.81 -13.21
CA LEU A 171 1.39 8.38 -12.78
C LEU A 171 2.06 7.50 -11.74
N SER A 172 1.26 6.96 -10.80
CA SER A 172 1.80 6.09 -9.77
C SER A 172 2.32 4.80 -10.37
N ILE A 173 1.55 4.22 -11.29
CA ILE A 173 1.87 2.88 -11.78
C ILE A 173 3.01 2.91 -12.80
N VAL A 174 3.09 3.96 -13.63
CA VAL A 174 4.03 3.90 -14.75
C VAL A 174 5.47 3.91 -14.26
N THR A 175 5.75 4.58 -13.15
CA THR A 175 7.14 4.67 -12.71
C THR A 175 7.63 3.30 -12.25
N THR A 176 6.83 2.61 -11.44
CA THR A 176 7.19 1.28 -10.99
C THR A 176 7.17 0.30 -12.16
N LEU A 177 6.20 0.44 -13.06
CA LEU A 177 6.18 -0.44 -14.26
C LEU A 177 7.49 -0.29 -15.05
N SER A 178 7.93 0.95 -15.26
CA SER A 178 9.16 1.12 -16.03
C SER A 178 10.33 0.47 -15.32
N THR A 179 10.27 0.42 -13.99
CA THR A 179 11.35 -0.17 -13.21
C THR A 179 11.32 -1.69 -13.29
N VAL A 180 10.14 -2.29 -13.15
CA VAL A 180 9.99 -3.74 -13.38
C VAL A 180 10.50 -4.11 -14.77
N ASN A 181 10.16 -3.30 -15.75
CA ASN A 181 10.45 -3.59 -17.17
C ASN A 181 11.91 -3.38 -17.50
N LEU A 182 12.72 -2.86 -16.57
CA LEU A 182 14.16 -2.94 -16.79
C LEU A 182 14.58 -4.40 -16.91
N MET A 183 13.91 -5.28 -16.18
CA MET A 183 14.29 -6.69 -16.11
C MET A 183 13.37 -7.57 -16.96
N PHE A 184 12.06 -7.34 -16.90
CA PHE A 184 11.13 -8.30 -17.47
C PHE A 184 10.38 -7.70 -18.65
N PRO A 185 10.48 -8.34 -19.82
CA PRO A 185 9.92 -7.76 -21.03
C PRO A 185 8.40 -7.82 -21.05
N LEU A 186 7.84 -6.91 -21.85
CA LEU A 186 6.40 -6.76 -22.00
C LEU A 186 5.90 -7.37 -23.31
N SER A 187 6.69 -8.25 -23.93
CA SER A 187 6.35 -8.82 -25.23
C SER A 187 4.94 -9.40 -25.25
N GLN A 188 4.56 -10.10 -24.19
CA GLN A 188 3.30 -10.84 -24.15
C GLN A 188 2.10 -10.01 -23.71
N PHE A 189 2.26 -8.68 -23.54
CA PHE A 189 1.26 -7.82 -22.93
C PHE A 189 0.98 -6.64 -23.85
N PRO A 190 0.16 -6.84 -24.89
CA PRO A 190 -0.05 -5.78 -25.87
C PRO A 190 -0.73 -4.54 -25.30
N ARG A 191 -1.73 -4.70 -24.43
CA ARG A 191 -2.40 -3.52 -23.88
C ARG A 191 -1.44 -2.73 -23.00
N LEU A 192 -0.65 -3.45 -22.20
CA LEU A 192 0.25 -2.76 -21.30
C LEU A 192 1.37 -2.08 -22.09
N ARG A 193 1.83 -2.72 -23.18
CA ARG A 193 2.78 -2.05 -24.07
C ARG A 193 2.19 -0.81 -24.72
N ARG A 194 0.95 -0.90 -25.23
CA ARG A 194 0.34 0.27 -25.85
C ARG A 194 0.21 1.42 -24.85
N TRP A 195 -0.24 1.10 -23.64
CA TRP A 195 -0.39 2.11 -22.58
C TRP A 195 0.97 2.70 -22.21
N PHE A 196 1.98 1.86 -22.02
CA PHE A 196 3.29 2.35 -21.63
C PHE A 196 3.87 3.26 -22.72
N THR A 197 3.71 2.86 -23.98
CA THR A 197 4.14 3.72 -25.08
C THR A 197 3.44 5.06 -25.05
N ALA A 198 2.13 5.06 -24.77
CA ALA A 198 1.41 6.32 -24.70
C ALA A 198 1.89 7.17 -23.54
N MET A 199 2.14 6.55 -22.38
CA MET A 199 2.70 7.32 -21.27
C MET A 199 4.04 7.94 -21.64
N GLN A 200 4.86 7.22 -22.41
CA GLN A 200 6.17 7.73 -22.75
C GLN A 200 6.10 8.94 -23.66
N GLN A 201 4.99 9.15 -24.36
CA GLN A 201 4.84 10.31 -25.22
C GLN A 201 4.46 11.56 -24.45
N LEU A 202 4.04 11.41 -23.19
CA LEU A 202 3.64 12.56 -22.41
C LEU A 202 4.85 13.38 -21.99
N ASP A 203 4.71 14.69 -22.10
CA ASP A 203 5.78 15.59 -21.65
C ASP A 203 6.17 15.29 -20.21
N ALA A 204 5.18 14.93 -19.37
CA ALA A 204 5.49 14.70 -17.95
C ALA A 204 6.36 13.47 -17.75
N TYR A 205 6.30 12.50 -18.67
CA TYR A 205 7.13 11.31 -18.53
C TYR A 205 8.61 11.63 -18.54
N GLU A 206 8.99 12.80 -19.07
CA GLU A 206 10.39 13.18 -19.01
C GLU A 206 10.93 13.16 -17.58
N ALA A 207 10.05 13.38 -16.58
CA ALA A 207 10.48 13.37 -15.18
C ALA A 207 10.78 11.97 -14.66
N ASN A 208 10.41 10.92 -15.39
CA ASN A 208 10.74 9.56 -14.96
C ASN A 208 12.10 9.10 -15.49
N CYS A 209 12.58 9.69 -16.57
N CYS A 209 12.56 9.70 -16.59
CA CYS A 209 13.68 9.08 -17.33
CA CYS A 209 13.66 9.13 -17.35
C CYS A 209 14.98 9.07 -16.55
C CYS A 209 14.97 9.09 -16.56
N SER A 210 15.33 10.22 -15.94
CA SER A 210 16.65 10.33 -15.33
C SER A 210 16.82 9.40 -14.14
N GLY A 211 15.83 9.36 -13.25
CA GLY A 211 15.93 8.49 -12.08
C GLY A 211 15.86 7.02 -12.45
N LEU A 212 15.11 6.66 -13.48
CA LEU A 212 15.11 5.29 -13.95
C LEU A 212 16.51 4.87 -14.38
N GLU A 213 17.22 5.73 -15.09
CA GLU A 213 18.57 5.42 -15.54
C GLU A 213 19.54 5.37 -14.37
N LYS A 214 19.41 6.30 -13.43
CA LYS A 214 20.26 6.27 -12.24
C LYS A 214 20.01 5.00 -11.43
N LEU A 215 18.74 4.57 -11.34
CA LEU A 215 18.47 3.31 -10.63
C LEU A 215 19.10 2.14 -11.36
N ARG A 216 18.98 2.12 -12.69
CA ARG A 216 19.62 1.06 -13.47
C ARG A 216 21.11 0.99 -13.15
N GLN A 217 21.79 2.15 -13.20
CA GLN A 217 23.23 2.20 -12.92
C GLN A 217 23.55 1.69 -11.51
N THR A 218 22.84 2.21 -10.51
CA THR A 218 23.12 1.79 -9.14
C THR A 218 22.88 0.30 -8.95
N MET A 219 21.77 -0.21 -9.48
CA MET A 219 21.43 -1.62 -9.28
C MET A 219 22.46 -2.52 -9.95
N GLU A 220 22.87 -2.18 -11.17
CA GLU A 220 23.83 -3.03 -11.87
C GLU A 220 25.15 -3.07 -11.11
N SER A 221 25.57 -1.93 -10.57
CA SER A 221 26.80 -1.87 -9.78
C SER A 221 26.68 -2.70 -8.48
N VAL A 222 25.66 -2.41 -7.67
CA VAL A 222 25.55 -3.06 -6.36
C VAL A 222 25.23 -4.54 -6.51
N GLY A 223 24.44 -4.91 -7.51
CA GLY A 223 24.06 -6.31 -7.69
C GLY A 223 24.99 -7.14 -8.54
N SER A 224 25.99 -6.52 -9.17
CA SER A 224 26.97 -7.20 -10.01
C SER A 224 26.31 -7.94 -11.17
N PHE A 225 25.57 -7.20 -11.98
CA PHE A 225 24.88 -7.82 -13.11
C PHE A 225 24.50 -6.74 -14.11
N GLN A 226 23.88 -7.16 -15.21
CA GLN A 226 23.28 -6.25 -16.18
C GLN A 226 21.84 -6.66 -16.45
N PHE A 227 20.94 -5.67 -16.43
CA PHE A 227 19.61 -5.89 -16.95
C PHE A 227 19.70 -6.19 -18.44
N PRO A 228 18.84 -7.05 -18.98
CA PRO A 228 18.87 -7.31 -20.42
C PRO A 228 18.39 -6.07 -21.17
N SER A 229 19.27 -5.54 -22.04
CA SER A 229 18.93 -4.29 -22.73
C SER A 229 17.67 -4.41 -23.57
N SER A 230 17.35 -5.64 -24.03
CA SER A 230 16.20 -5.86 -24.90
C SER A 230 14.86 -5.74 -24.17
N SER A 231 14.86 -5.75 -22.84
CA SER A 231 13.59 -5.79 -22.09
C SER A 231 12.87 -4.46 -22.11
N ALA A 232 13.57 -3.38 -21.81
CA ALA A 232 12.90 -2.09 -21.58
C ALA A 232 12.24 -1.58 -22.86
N VAL A 233 10.95 -1.23 -22.76
CA VAL A 233 10.27 -0.53 -23.83
C VAL A 233 10.83 0.88 -23.97
N VAL A 234 11.27 1.23 -25.18
CA VAL A 234 11.84 2.55 -25.43
C VAL A 234 11.35 3.08 -26.77
N PRO B 11 -28.89 -1.15 -4.36
CA PRO B 11 -28.58 -2.48 -3.84
C PRO B 11 -27.55 -2.39 -2.72
N LYS B 12 -27.70 -3.22 -1.70
CA LYS B 12 -26.79 -3.15 -0.57
C LYS B 12 -25.39 -3.63 -0.98
N PRO B 13 -24.36 -3.12 -0.33
CA PRO B 13 -23.00 -3.57 -0.63
C PRO B 13 -22.85 -5.07 -0.37
N ILE B 14 -21.96 -5.68 -1.15
CA ILE B 14 -21.57 -7.08 -1.01
C ILE B 14 -20.11 -7.11 -0.62
N LEU B 15 -19.77 -7.75 0.50
CA LEU B 15 -18.39 -7.86 0.94
C LEU B 15 -17.93 -9.30 0.83
N TYR B 16 -17.00 -9.56 -0.09
CA TYR B 16 -16.32 -10.86 -0.16
C TYR B 16 -15.21 -10.88 0.88
N TYR B 17 -15.19 -11.90 1.74
CA TYR B 17 -14.40 -11.79 2.95
C TYR B 17 -13.92 -13.17 3.41
N ASP B 18 -12.84 -13.14 4.18
CA ASP B 18 -12.39 -14.24 5.04
C ASP B 18 -11.89 -13.58 6.30
N GLU B 19 -12.54 -13.83 7.44
CA GLU B 19 -12.26 -12.97 8.58
C GLU B 19 -10.91 -13.26 9.23
N ARG B 20 -10.17 -14.25 8.73
CA ARG B 20 -8.79 -14.41 9.17
C ARG B 20 -7.94 -13.21 8.76
N SER B 21 -8.31 -12.55 7.67
CA SER B 21 -7.54 -11.42 7.15
C SER B 21 -7.70 -10.20 8.07
N PRO B 22 -6.60 -9.57 8.51
CA PRO B 22 -6.73 -8.35 9.31
C PRO B 22 -7.42 -7.25 8.53
N PRO B 23 -7.06 -7.00 7.27
CA PRO B 23 -7.77 -5.94 6.52
C PRO B 23 -9.27 -6.22 6.40
N VAL B 24 -9.65 -7.48 6.21
CA VAL B 24 -11.06 -7.83 6.26
C VAL B 24 -11.66 -7.39 7.59
N ARG B 25 -10.99 -7.74 8.70
CA ARG B 25 -11.54 -7.41 10.01
C ARG B 25 -11.68 -5.90 10.20
N SER B 26 -10.80 -5.11 9.60
CA SER B 26 -10.97 -3.66 9.69
C SER B 26 -12.29 -3.23 9.05
N CYS B 27 -12.63 -3.83 7.92
CA CYS B 27 -13.90 -3.52 7.26
C CYS B 27 -15.08 -4.02 8.08
N LEU B 28 -14.97 -5.21 8.68
CA LEU B 28 -16.04 -5.70 9.54
C LEU B 28 -16.27 -4.77 10.74
N MET B 29 -15.18 -4.22 11.30
CA MET B 29 -15.29 -3.30 12.42
C MET B 29 -16.04 -2.03 12.01
N LEU B 30 -15.72 -1.48 10.84
CA LEU B 30 -16.39 -0.27 10.40
C LEU B 30 -17.87 -0.55 10.12
N ILE B 31 -18.17 -1.72 9.56
CA ILE B 31 -19.54 -2.08 9.24
C ILE B 31 -20.36 -2.16 10.53
N LYS B 32 -19.79 -2.77 11.57
CA LYS B 32 -20.48 -2.81 12.86
C LYS B 32 -20.58 -1.42 13.44
N LEU B 33 -19.52 -0.65 13.35
CA LEU B 33 -19.49 0.70 13.95
C LEU B 33 -20.59 1.60 13.37
N LEU B 34 -20.86 1.43 12.10
CA LEU B 34 -21.81 2.25 11.37
C LEU B 34 -23.13 1.56 11.02
N ASP B 35 -23.34 0.33 11.47
N ASP B 35 -23.37 0.34 11.47
CA ASP B 35 -24.59 -0.39 11.23
CA ASP B 35 -24.64 -0.35 11.22
C ASP B 35 -24.91 -0.52 9.74
C ASP B 35 -24.92 -0.54 9.73
N ILE B 36 -23.88 -0.79 8.94
CA ILE B 36 -24.07 -0.91 7.50
C ILE B 36 -24.70 -2.26 7.19
N ASP B 37 -25.82 -2.23 6.48
CA ASP B 37 -26.44 -3.46 5.98
C ASP B 37 -25.66 -3.92 4.77
N VAL B 38 -24.86 -4.97 4.95
CA VAL B 38 -23.99 -5.52 3.91
C VAL B 38 -24.29 -7.01 3.75
N GLU B 39 -24.22 -7.49 2.53
CA GLU B 39 -24.31 -8.93 2.25
C GLU B 39 -22.89 -9.51 2.28
N LEU B 40 -22.62 -10.35 3.27
CA LEU B 40 -21.32 -11.02 3.38
C LEU B 40 -21.28 -12.27 2.53
N ARG B 41 -20.18 -12.45 1.79
CA ARG B 41 -19.94 -13.64 0.99
C ARG B 41 -18.58 -14.20 1.35
N PHE B 42 -18.58 -15.39 1.96
CA PHE B 42 -17.35 -15.96 2.47
C PHE B 42 -16.55 -16.61 1.35
N VAL B 43 -15.28 -16.25 1.25
CA VAL B 43 -14.34 -16.80 0.30
C VAL B 43 -13.24 -17.47 1.11
N ASN B 44 -13.17 -18.80 1.06
CA ASN B 44 -12.28 -19.51 1.96
C ASN B 44 -10.86 -19.45 1.40
N LEU B 45 -10.04 -18.57 1.99
CA LEU B 45 -8.69 -18.38 1.48
C LEU B 45 -7.84 -19.63 1.65
N PHE B 46 -8.09 -20.40 2.71
CA PHE B 46 -7.33 -21.61 2.95
C PHE B 46 -7.59 -22.65 1.87
N LYS B 47 -8.79 -22.67 1.32
CA LYS B 47 -9.13 -23.58 0.23
C LYS B 47 -8.85 -22.99 -1.14
N GLY B 48 -8.25 -21.79 -1.21
CA GLY B 48 -7.94 -21.20 -2.49
C GLY B 48 -9.13 -20.73 -3.28
N GLU B 49 -10.26 -20.48 -2.63
CA GLU B 49 -11.46 -20.06 -3.35
C GLU B 49 -11.29 -18.69 -3.99
N GLN B 50 -10.30 -17.91 -3.56
CA GLN B 50 -10.03 -16.63 -4.22
C GLN B 50 -9.56 -16.82 -5.65
N PHE B 51 -9.27 -18.06 -6.04
CA PHE B 51 -8.81 -18.36 -7.39
C PHE B 51 -9.89 -18.95 -8.30
N GLN B 52 -11.16 -19.06 -7.86
CA GLN B 52 -11.99 -19.69 -8.88
C GLN B 52 -12.37 -18.64 -9.92
N LYS B 53 -12.80 -19.11 -11.08
CA LYS B 53 -12.84 -18.27 -12.27
C LYS B 53 -13.65 -17.00 -12.03
N ASP B 54 -14.80 -17.11 -11.37
CA ASP B 54 -15.68 -15.94 -11.28
C ASP B 54 -15.12 -14.88 -10.34
N PHE B 55 -14.48 -15.29 -9.25
CA PHE B 55 -13.91 -14.29 -8.36
C PHE B 55 -12.66 -13.66 -8.98
N LEU B 56 -11.83 -14.48 -9.62
CA LEU B 56 -10.67 -13.96 -10.35
C LEU B 56 -11.09 -12.95 -11.41
N ALA B 57 -12.16 -13.27 -12.16
CA ALA B 57 -12.69 -12.31 -13.12
C ALA B 57 -13.14 -11.03 -12.42
N LEU B 58 -13.68 -11.16 -11.21
CA LEU B 58 -14.10 -9.97 -10.46
C LEU B 58 -12.90 -9.19 -9.93
N ASN B 59 -11.91 -9.90 -9.38
CA ASN B 59 -10.75 -9.28 -8.75
C ASN B 59 -9.51 -10.07 -9.13
N PRO B 60 -8.79 -9.65 -10.16
CA PRO B 60 -7.60 -10.40 -10.58
C PRO B 60 -6.50 -10.43 -9.52
N GLN B 61 -6.56 -9.55 -8.51
CA GLN B 61 -5.63 -9.65 -7.39
C GLN B 61 -5.99 -10.79 -6.43
N HIS B 62 -7.13 -11.44 -6.65
CA HIS B 62 -7.60 -12.58 -5.85
C HIS B 62 -7.36 -12.33 -4.37
N SER B 63 -7.91 -11.23 -3.88
CA SER B 63 -7.69 -10.80 -2.52
C SER B 63 -9.01 -10.44 -1.86
N VAL B 64 -9.02 -10.56 -0.53
CA VAL B 64 -10.14 -10.05 0.28
C VAL B 64 -9.56 -9.03 1.25
N PRO B 65 -10.34 -8.03 1.66
CA PRO B 65 -11.74 -7.84 1.28
C PRO B 65 -11.91 -7.33 -0.15
N THR B 66 -13.00 -7.74 -0.79
CA THR B 66 -13.47 -7.16 -2.04
C THR B 66 -14.89 -6.69 -1.83
N LEU B 67 -15.18 -5.45 -2.20
CA LEU B 67 -16.50 -4.87 -2.04
C LEU B 67 -17.10 -4.62 -3.42
N VAL B 68 -18.33 -5.10 -3.61
CA VAL B 68 -19.11 -4.79 -4.80
C VAL B 68 -20.28 -3.94 -4.34
N HIS B 69 -20.36 -2.73 -4.85
CA HIS B 69 -21.42 -1.79 -4.46
C HIS B 69 -21.97 -1.21 -5.75
N GLY B 70 -23.09 -1.74 -6.21
CA GLY B 70 -23.56 -1.41 -7.55
C GLY B 70 -22.53 -1.84 -8.56
N ASP B 71 -22.09 -0.91 -9.40
CA ASP B 71 -21.07 -1.17 -10.41
C ASP B 71 -19.65 -0.99 -9.90
N LEU B 72 -19.48 -0.47 -8.68
CA LEU B 72 -18.16 -0.21 -8.12
C LEU B 72 -17.61 -1.47 -7.46
N VAL B 73 -16.38 -1.84 -7.84
CA VAL B 73 -15.68 -3.01 -7.30
C VAL B 73 -14.37 -2.53 -6.66
N LEU B 74 -14.29 -2.60 -5.34
CA LEU B 74 -13.10 -2.18 -4.61
C LEU B 74 -12.33 -3.40 -4.11
N THR B 75 -11.00 -3.37 -4.28
CA THR B 75 -10.16 -4.53 -4.04
C THR B 75 -9.06 -4.23 -3.03
N ASP B 76 -9.26 -3.23 -2.18
CA ASP B 76 -8.30 -2.91 -1.13
C ASP B 76 -9.05 -2.38 0.08
N SER B 77 -8.71 -2.90 1.26
CA SER B 77 -9.43 -2.52 2.47
C SER B 77 -9.44 -1.02 2.69
N HIS B 78 -8.36 -0.32 2.30
CA HIS B 78 -8.32 1.11 2.62
C HIS B 78 -9.27 1.89 1.73
N ALA B 79 -9.46 1.48 0.47
CA ALA B 79 -10.49 2.09 -0.36
C ALA B 79 -11.88 1.76 0.17
N ILE B 80 -12.08 0.53 0.64
CA ILE B 80 -13.38 0.13 1.16
C ILE B 80 -13.74 0.95 2.40
N LEU B 81 -12.77 1.14 3.31
CA LEU B 81 -13.01 1.94 4.51
C LEU B 81 -13.42 3.36 4.13
N ILE B 82 -12.70 3.96 3.19
CA ILE B 82 -12.99 5.34 2.80
C ILE B 82 -14.36 5.41 2.12
N HIS B 83 -14.62 4.50 1.17
CA HIS B 83 -15.90 4.49 0.47
C HIS B 83 -17.07 4.34 1.44
N LEU B 84 -16.98 3.38 2.37
CA LEU B 84 -18.09 3.15 3.29
C LEU B 84 -18.27 4.34 4.23
N ALA B 85 -17.18 4.94 4.70
CA ALA B 85 -17.32 6.12 5.54
C ALA B 85 -17.99 7.26 4.77
N GLU B 86 -17.61 7.45 3.51
CA GLU B 86 -18.19 8.56 2.74
C GLU B 86 -19.66 8.32 2.42
N LYS B 87 -20.06 7.07 2.19
CA LYS B 87 -21.44 6.78 1.84
C LYS B 87 -22.34 6.65 3.05
N PHE B 88 -21.81 6.21 4.18
CA PHE B 88 -22.65 5.87 5.33
C PHE B 88 -22.35 6.67 6.58
N ASP B 89 -21.35 7.55 6.55
CA ASP B 89 -20.98 8.34 7.72
C ASP B 89 -20.59 9.76 7.29
N GLU B 90 -21.28 10.31 6.30
CA GLU B 90 -20.99 11.66 5.87
C GLU B 90 -21.13 12.60 7.05
N GLY B 91 -20.15 13.49 7.21
CA GLY B 91 -20.12 14.38 8.35
C GLY B 91 -19.59 13.78 9.63
N GLY B 92 -19.07 12.55 9.59
CA GLY B 92 -18.52 11.92 10.78
C GLY B 92 -17.07 12.30 11.01
N SER B 93 -16.55 11.87 12.16
CA SER B 93 -15.15 12.13 12.50
C SER B 93 -14.22 10.98 12.12
N LEU B 94 -14.76 9.82 11.74
CA LEU B 94 -13.91 8.71 11.30
C LEU B 94 -13.09 9.09 10.09
N TRP B 95 -13.67 9.86 9.18
CA TRP B 95 -13.04 10.26 7.93
C TRP B 95 -13.27 11.76 7.81
N PRO B 96 -12.48 12.55 8.52
CA PRO B 96 -12.85 13.96 8.74
C PRO B 96 -12.78 14.77 7.46
N GLN B 97 -13.63 15.79 7.40
CA GLN B 97 -13.78 16.60 6.18
C GLN B 97 -12.62 17.56 5.98
N GLU B 98 -12.05 18.10 7.06
CA GLU B 98 -10.99 19.09 6.94
C GLU B 98 -9.78 18.48 6.25
N HIS B 99 -9.23 19.19 5.27
CA HIS B 99 -8.20 18.63 4.40
C HIS B 99 -7.01 18.10 5.17
N ALA B 100 -6.41 18.92 6.04
CA ALA B 100 -5.19 18.47 6.73
C ALA B 100 -5.46 17.24 7.58
N GLU B 101 -6.59 17.21 8.29
CA GLU B 101 -6.92 16.04 9.09
C GLU B 101 -7.15 14.83 8.18
N ARG B 102 -7.84 15.02 7.06
CA ARG B 102 -8.09 13.91 6.17
C ARG B 102 -6.77 13.37 5.60
N MET B 103 -5.85 14.26 5.20
CA MET B 103 -4.56 13.80 4.72
C MET B 103 -3.79 13.03 5.77
N LYS B 104 -3.93 13.44 7.03
CA LYS B 104 -3.24 12.74 8.08
C LYS B 104 -3.80 11.32 8.24
N VAL B 105 -5.11 11.16 8.18
CA VAL B 105 -5.69 9.82 8.25
C VAL B 105 -5.23 8.99 7.06
N LEU B 106 -5.28 9.58 5.87
CA LEU B 106 -4.83 8.89 4.66
C LEU B 106 -3.38 8.45 4.80
N ASN B 107 -2.54 9.35 5.29
CA ASN B 107 -1.13 9.03 5.47
C ASN B 107 -0.94 7.82 6.37
N LEU B 108 -1.76 7.69 7.43
N LEU B 108 -1.76 7.69 7.43
CA LEU B 108 -1.65 6.56 8.34
CA LEU B 108 -1.64 6.56 8.33
C LEU B 108 -2.23 5.30 7.72
C LEU B 108 -2.25 5.29 7.74
N LEU B 109 -3.32 5.42 6.95
CA LEU B 109 -3.84 4.26 6.24
C LEU B 109 -2.77 3.68 5.32
N LEU B 110 -1.98 4.56 4.69
CA LEU B 110 -0.93 4.07 3.79
C LEU B 110 0.26 3.50 4.56
N PHE B 111 0.55 4.03 5.75
CA PHE B 111 1.51 3.39 6.64
C PHE B 111 1.08 1.97 6.96
N GLU B 112 -0.21 1.78 7.27
CA GLU B 112 -0.67 0.42 7.56
C GLU B 112 -0.45 -0.50 6.36
N CYS B 113 -0.83 -0.02 5.17
CA CYS B 113 -0.63 -0.82 3.96
C CYS B 113 0.84 -1.12 3.70
N SER B 114 1.68 -0.07 3.66
CA SER B 114 3.02 -0.15 3.10
C SER B 114 4.06 -0.63 4.10
N PHE B 115 3.77 -0.58 5.39
CA PHE B 115 4.80 -0.81 6.39
C PHE B 115 4.32 -1.85 7.39
N LEU B 116 3.26 -1.56 8.16
CA LEU B 116 2.85 -2.50 9.20
C LEU B 116 2.33 -3.80 8.60
N PHE B 117 1.34 -3.71 7.71
CA PHE B 117 0.81 -4.93 7.09
C PHE B 117 1.86 -5.61 6.22
N ARG B 118 2.63 -4.85 5.45
CA ARG B 118 3.65 -5.49 4.61
C ARG B 118 4.54 -6.37 5.47
N ARG B 119 5.01 -5.85 6.60
CA ARG B 119 5.93 -6.60 7.44
C ARG B 119 5.24 -7.76 8.14
N ASP B 120 3.99 -7.59 8.57
CA ASP B 120 3.31 -8.72 9.19
C ASP B 120 3.02 -9.80 8.16
N SER B 121 2.65 -9.39 6.95
CA SER B 121 2.43 -10.36 5.87
C SER B 121 3.72 -11.10 5.54
N ASP B 122 4.85 -10.38 5.48
CA ASP B 122 6.15 -11.02 5.25
C ASP B 122 6.39 -12.13 6.28
N PHE B 123 6.18 -11.82 7.56
CA PHE B 123 6.41 -12.78 8.63
C PHE B 123 5.48 -13.97 8.51
N MET B 124 4.18 -13.71 8.34
CA MET B 124 3.22 -14.81 8.30
C MET B 124 3.40 -15.67 7.06
N SER B 125 3.73 -15.05 5.93
CA SER B 125 4.01 -15.80 4.72
C SER B 125 5.19 -16.73 4.86
N ALA B 126 6.22 -16.22 5.54
CA ALA B 126 7.37 -17.01 5.82
C ALA B 126 7.00 -18.24 6.61
N ILE B 127 6.11 -18.09 7.60
CA ILE B 127 5.68 -19.26 8.38
C ILE B 127 5.03 -20.29 7.47
N VAL B 128 4.11 -19.84 6.62
CA VAL B 128 3.37 -20.78 5.78
C VAL B 128 4.29 -21.42 4.76
N ARG B 129 5.21 -20.65 4.18
CA ARG B 129 6.06 -21.17 3.11
C ARG B 129 7.19 -22.03 3.64
N GLN B 130 7.75 -21.68 4.79
CA GLN B 130 8.96 -22.31 5.29
C GLN B 130 8.73 -23.22 6.48
N GLY B 131 7.60 -23.09 7.17
CA GLY B 131 7.40 -23.72 8.46
C GLY B 131 7.95 -22.84 9.57
N PHE B 132 7.19 -22.73 10.67
CA PHE B 132 7.60 -21.83 11.76
C PHE B 132 8.98 -22.18 12.28
N ALA B 133 9.29 -23.48 12.37
CA ALA B 133 10.58 -23.92 12.89
C ALA B 133 11.74 -23.42 12.04
N ASN B 134 11.48 -23.03 10.80
CA ASN B 134 12.54 -22.59 9.89
C ASN B 134 12.52 -21.10 9.61
N VAL B 135 11.62 -20.36 10.24
CA VAL B 135 11.55 -18.90 10.07
C VAL B 135 12.64 -18.23 10.90
N ASP B 136 13.25 -17.20 10.32
CA ASP B 136 14.19 -16.33 11.04
C ASP B 136 13.37 -15.37 11.90
N VAL B 137 12.98 -15.86 13.08
CA VAL B 137 12.06 -15.09 13.90
C VAL B 137 12.69 -13.78 14.36
N ALA B 138 13.98 -13.82 14.69
CA ALA B 138 14.67 -12.60 15.13
C ALA B 138 14.61 -11.52 14.07
N HIS B 139 14.80 -11.89 12.80
CA HIS B 139 14.70 -10.94 11.70
C HIS B 139 13.34 -10.25 11.70
N HIS B 140 12.26 -11.04 11.73
CA HIS B 140 10.93 -10.44 11.67
C HIS B 140 10.57 -9.72 12.96
N GLU B 141 11.10 -10.19 14.10
CA GLU B 141 10.91 -9.44 15.33
C GLU B 141 11.49 -8.04 15.21
N ARG B 142 12.67 -7.94 14.59
CA ARG B 142 13.27 -6.61 14.39
C ARG B 142 12.37 -5.77 13.49
N LYS B 143 11.90 -6.35 12.38
CA LYS B 143 11.10 -5.56 11.42
C LYS B 143 9.80 -5.10 12.05
N LEU B 144 9.13 -5.98 12.81
CA LEU B 144 7.85 -5.62 13.40
C LEU B 144 8.02 -4.75 14.65
N THR B 145 9.10 -4.94 15.40
CA THR B 145 9.37 -4.04 16.52
C THR B 145 9.61 -2.63 16.01
N GLU B 146 10.27 -2.50 14.87
N GLU B 146 10.26 -2.51 14.86
CA GLU B 146 10.42 -1.16 14.28
CA GLU B 146 10.44 -1.21 14.23
C GLU B 146 9.06 -0.53 14.03
C GLU B 146 9.11 -0.53 13.94
N ALA B 147 8.08 -1.32 13.60
CA ALA B 147 6.75 -0.75 13.38
C ALA B 147 6.11 -0.34 14.69
N TYR B 148 6.28 -1.16 15.73
CA TYR B 148 5.82 -0.78 17.07
C TYR B 148 6.42 0.57 17.47
N ILE B 149 7.73 0.72 17.26
CA ILE B 149 8.42 1.96 17.63
C ILE B 149 7.81 3.16 16.93
N ILE B 150 7.46 3.00 15.65
CA ILE B 150 6.92 4.10 14.88
C ILE B 150 5.54 4.50 15.40
N MET B 151 4.68 3.51 15.65
CA MET B 151 3.36 3.80 16.18
C MET B 151 3.44 4.43 17.56
N GLU B 152 4.39 3.98 18.37
CA GLU B 152 4.59 4.60 19.68
C GLU B 152 4.88 6.08 19.51
N ARG B 153 5.75 6.42 18.54
CA ARG B 153 6.02 7.83 18.27
C ARG B 153 4.78 8.55 17.77
N TYR B 154 4.00 7.92 16.89
CA TYR B 154 2.76 8.55 16.43
C TYR B 154 1.85 8.91 17.59
N LEU B 155 1.84 8.08 18.63
CA LEU B 155 0.93 8.24 19.77
C LEU B 155 1.50 9.18 20.83
N GLU B 156 2.65 9.81 20.57
CA GLU B 156 3.33 10.61 21.58
C GLU B 156 2.40 11.63 22.21
N ASN B 157 1.75 12.45 21.39
CA ASN B 157 0.92 13.53 21.92
C ASN B 157 -0.48 13.50 21.34
N SER B 158 -0.98 12.31 20.99
CA SER B 158 -2.40 12.19 20.63
C SER B 158 -2.89 10.82 21.06
N ASP B 159 -4.17 10.78 21.46
CA ASP B 159 -4.76 9.56 22.00
C ASP B 159 -4.99 8.49 20.95
N PHE B 160 -5.09 8.87 19.68
CA PHE B 160 -5.32 7.92 18.59
C PHE B 160 -4.27 8.14 17.51
N MET B 161 -4.22 7.20 16.56
CA MET B 161 -3.15 7.14 15.56
C MET B 161 -3.04 8.44 14.75
N ALA B 162 -4.17 9.06 14.40
CA ALA B 162 -4.16 10.21 13.50
C ALA B 162 -4.63 11.49 14.16
N GLY B 163 -4.83 11.48 15.48
CA GLY B 163 -5.20 12.68 16.18
C GLY B 163 -5.97 12.40 17.45
N PRO B 164 -6.75 13.40 17.90
CA PRO B 164 -7.44 13.27 19.19
C PRO B 164 -8.68 12.39 19.16
N GLN B 165 -9.10 11.92 17.98
CA GLN B 165 -10.33 11.14 17.87
C GLN B 165 -10.09 9.90 17.03
N LEU B 166 -10.94 8.89 17.27
CA LEU B 166 -10.93 7.66 16.50
C LEU B 166 -11.21 7.94 15.03
N THR B 167 -10.35 7.41 14.14
CA THR B 167 -10.54 7.56 12.72
C THR B 167 -10.37 6.20 12.04
N LEU B 168 -10.60 6.20 10.72
CA LEU B 168 -10.35 5.01 9.91
C LEU B 168 -8.95 4.45 10.13
N ALA B 169 -7.96 5.32 10.42
CA ALA B 169 -6.61 4.81 10.59
C ALA B 169 -6.54 3.85 11.77
N ASP B 170 -7.25 4.15 12.87
CA ASP B 170 -7.24 3.24 14.00
C ASP B 170 -7.87 1.90 13.65
N LEU B 171 -8.95 1.93 12.84
CA LEU B 171 -9.60 0.66 12.49
C LEU B 171 -8.69 -0.19 11.63
N SER B 172 -7.98 0.44 10.70
CA SER B 172 -7.07 -0.29 9.82
C SER B 172 -5.90 -0.89 10.61
N ILE B 173 -5.32 -0.09 11.50
CA ILE B 173 -4.10 -0.49 12.19
C ILE B 173 -4.40 -1.53 13.28
N VAL B 174 -5.53 -1.42 13.97
CA VAL B 174 -5.73 -2.23 15.17
C VAL B 174 -5.84 -3.71 14.81
N THR B 175 -6.47 -4.04 13.67
CA THR B 175 -6.60 -5.45 13.33
C THR B 175 -5.25 -6.07 13.02
N THR B 176 -4.43 -5.39 12.24
CA THR B 176 -3.10 -5.90 11.96
C THR B 176 -2.26 -5.95 13.24
N LEU B 177 -2.34 -4.90 14.06
N LEU B 177 -2.33 -4.91 14.07
CA LEU B 177 -1.60 -4.87 15.32
CA LEU B 177 -1.58 -4.90 15.31
C LEU B 177 -1.97 -6.07 16.19
C LEU B 177 -1.96 -6.10 16.18
N SER B 178 -3.27 -6.37 16.31
CA SER B 178 -3.68 -7.53 17.10
C SER B 178 -3.14 -8.83 16.53
N THR B 179 -2.87 -8.86 15.23
CA THR B 179 -2.32 -10.05 14.58
C THR B 179 -0.82 -10.15 14.82
N VAL B 180 -0.10 -9.03 14.72
CA VAL B 180 1.31 -9.03 15.13
C VAL B 180 1.43 -9.44 16.59
N ASN B 181 0.51 -8.98 17.43
CA ASN B 181 0.53 -9.22 18.86
C ASN B 181 0.25 -10.68 19.20
N LEU B 182 -0.17 -11.49 18.23
CA LEU B 182 -0.24 -12.92 18.46
C LEU B 182 1.13 -13.47 18.83
N MET B 183 2.18 -12.87 18.27
CA MET B 183 3.56 -13.31 18.42
C MET B 183 4.40 -12.38 19.27
N PHE B 184 4.23 -11.06 19.11
CA PHE B 184 5.12 -10.09 19.74
C PHE B 184 4.36 -9.18 20.71
N PRO B 185 4.67 -9.24 22.00
CA PRO B 185 3.89 -8.49 22.98
C PRO B 185 4.19 -7.00 22.94
N LEU B 186 3.28 -6.23 23.56
CA LEU B 186 3.31 -4.77 23.55
C LEU B 186 3.84 -4.18 24.85
N SER B 187 4.33 -5.03 25.75
CA SER B 187 4.64 -4.58 27.10
C SER B 187 5.71 -3.49 27.13
N GLN B 188 6.54 -3.37 26.10
CA GLN B 188 7.58 -2.35 26.10
C GLN B 188 7.13 -1.03 25.52
N PHE B 189 5.89 -0.92 25.06
CA PHE B 189 5.42 0.28 24.37
C PHE B 189 4.21 0.83 25.10
N PRO B 190 4.43 1.72 26.07
CA PRO B 190 3.32 2.14 26.95
C PRO B 190 2.17 2.80 26.21
N ARG B 191 2.45 3.76 25.32
CA ARG B 191 1.38 4.42 24.60
C ARG B 191 0.65 3.44 23.67
N LEU B 192 1.40 2.59 22.98
CA LEU B 192 0.78 1.63 22.08
C LEU B 192 -0.05 0.62 22.84
N ARG B 193 0.44 0.16 24.00
N ARG B 193 0.41 0.16 24.01
CA ARG B 193 -0.32 -0.78 24.83
CA ARG B 193 -0.35 -0.80 24.79
C ARG B 193 -1.62 -0.17 25.32
C ARG B 193 -1.63 -0.17 25.34
N ARG B 194 -1.56 1.07 25.82
CA ARG B 194 -2.77 1.74 26.29
C ARG B 194 -3.75 1.97 25.16
N TRP B 195 -3.25 2.38 24.00
CA TRP B 195 -4.11 2.56 22.83
C TRP B 195 -4.82 1.26 22.48
N PHE B 196 -4.08 0.16 22.45
CA PHE B 196 -4.66 -1.12 22.07
C PHE B 196 -5.73 -1.56 23.06
N THR B 197 -5.45 -1.40 24.36
CA THR B 197 -6.44 -1.73 25.37
C THR B 197 -7.70 -0.89 25.21
N ALA B 198 -7.54 0.39 24.87
CA ALA B 198 -8.69 1.25 24.66
C ALA B 198 -9.51 0.83 23.45
N MET B 199 -8.83 0.45 22.36
CA MET B 199 -9.54 -0.04 21.18
C MET B 199 -10.32 -1.30 21.50
N GLN B 200 -9.79 -2.13 22.39
CA GLN B 200 -10.45 -3.39 22.75
C GLN B 200 -11.72 -3.15 23.54
N GLN B 201 -11.87 -1.96 24.13
CA GLN B 201 -13.08 -1.59 24.84
C GLN B 201 -14.20 -1.12 23.92
N LEU B 202 -13.91 -0.87 22.64
CA LEU B 202 -14.97 -0.48 21.71
C LEU B 202 -15.89 -1.65 21.44
N ASP B 203 -17.20 -1.38 21.38
CA ASP B 203 -18.13 -2.42 20.98
C ASP B 203 -17.78 -2.97 19.60
N ALA B 204 -17.37 -2.09 18.68
CA ALA B 204 -17.02 -2.54 17.34
C ALA B 204 -15.84 -3.50 17.35
N TYR B 205 -15.01 -3.49 18.39
CA TYR B 205 -13.87 -4.39 18.38
C TYR B 205 -14.29 -5.85 18.45
N GLU B 206 -15.51 -6.15 18.90
CA GLU B 206 -15.99 -7.53 18.87
C GLU B 206 -15.86 -8.13 17.47
N ALA B 207 -15.98 -7.30 16.43
CA ALA B 207 -15.88 -7.80 15.06
C ALA B 207 -14.49 -8.33 14.73
N ASN B 208 -13.48 -7.99 15.52
CA ASN B 208 -12.13 -8.49 15.29
C ASN B 208 -11.87 -9.84 15.95
N CYS B 209 -12.65 -10.20 16.98
CA CYS B 209 -12.28 -11.31 17.85
C CYS B 209 -12.29 -12.65 17.13
N SER B 210 -13.39 -12.96 16.45
CA SER B 210 -13.54 -14.29 15.87
C SER B 210 -12.49 -14.57 14.82
N GLY B 211 -12.24 -13.61 13.92
CA GLY B 211 -11.28 -13.84 12.86
C GLY B 211 -9.86 -13.92 13.38
N LEU B 212 -9.55 -13.13 14.41
CA LEU B 212 -8.23 -13.21 15.00
C LEU B 212 -7.99 -14.60 15.56
N GLU B 213 -8.98 -15.16 16.25
CA GLU B 213 -8.82 -16.50 16.81
C GLU B 213 -8.75 -17.56 15.73
N LYS B 214 -9.56 -17.41 14.67
N LYS B 214 -9.55 -17.41 14.67
CA LYS B 214 -9.50 -18.35 13.56
CA LYS B 214 -9.49 -18.36 13.57
C LYS B 214 -8.15 -18.30 12.86
C LYS B 214 -8.16 -18.30 12.85
N LEU B 215 -7.59 -17.10 12.68
CA LEU B 215 -6.27 -16.97 12.09
C LEU B 215 -5.22 -17.66 12.95
N ARG B 216 -5.25 -17.40 14.26
CA ARG B 216 -4.32 -18.07 15.17
C ARG B 216 -4.38 -19.58 14.96
N GLN B 217 -5.58 -20.14 14.98
CA GLN B 217 -5.73 -21.59 14.87
C GLN B 217 -5.24 -22.10 13.52
N THR B 218 -5.61 -21.40 12.44
CA THR B 218 -5.18 -21.83 11.11
C THR B 218 -3.66 -21.74 10.97
N MET B 219 -3.06 -20.66 11.47
CA MET B 219 -1.60 -20.51 11.41
C MET B 219 -0.91 -21.62 12.19
N GLU B 220 -1.42 -21.94 13.37
CA GLU B 220 -0.75 -22.94 14.21
C GLU B 220 -0.83 -24.32 13.57
N SER B 221 -1.95 -24.61 12.91
CA SER B 221 -2.08 -25.85 12.15
C SER B 221 -1.11 -25.87 10.97
N VAL B 222 -1.15 -24.85 10.11
CA VAL B 222 -0.33 -24.89 8.90
C VAL B 222 1.14 -24.63 9.22
N GLY B 223 1.42 -23.81 10.22
CA GLY B 223 2.79 -23.57 10.64
C GLY B 223 3.38 -24.67 11.47
N SER B 224 2.56 -25.64 11.90
CA SER B 224 3.00 -26.76 12.74
C SER B 224 3.65 -26.25 14.02
N PHE B 225 2.99 -25.29 14.66
CA PHE B 225 3.57 -24.67 15.83
C PHE B 225 2.46 -24.09 16.67
N GLN B 226 2.85 -23.34 17.68
CA GLN B 226 1.91 -22.75 18.61
C GLN B 226 2.50 -21.44 19.11
N PHE B 227 1.74 -20.35 18.90
CA PHE B 227 2.16 -19.01 19.31
C PHE B 227 2.43 -18.96 20.81
N PRO B 228 3.24 -17.98 21.26
CA PRO B 228 3.48 -17.72 22.68
C PRO B 228 2.18 -17.60 23.50
#